data_6F28
#
_entry.id   6F28
#
_cell.length_a   131.039
_cell.length_b   56.214
_cell.length_c   87.189
_cell.angle_alpha   90.000
_cell.angle_beta   90.000
_cell.angle_gamma   90.000
#
_symmetry.space_group_name_H-M   'P 2 2 21'
#
loop_
_entity.id
_entity.type
_entity.pdbx_description
1 polymer 'Glutamate receptor ionotropic, kainate 3,Glutamate receptor ionotropic, kainate 3'
2 non-polymer 'ZINC ION'
3 non-polymer '(2~{S})-2-azanyl-3-[6-methyl-2,4-bis(oxidanylidene)-5,7-dihydropyrrolo[3,4-d]pyrimidin-1-yl]propanoic acid'
4 non-polymer 'CHLORIDE ION'
5 non-polymer 'SULFATE ION'
6 water water
#
_entity_poly.entity_id   1
_entity_poly.type   'polypeptide(L)'
_entity_poly.pdbx_seq_one_letter_code
;GPGTNRSLIVTTLLEEPFVMFRKSDRTLYGNDRFEGYCIDLLKELAHILGFSYEIRLVEDGKYGAQDDKGQWNGMVKELI
DHKADLAVAPLTITHVREKAIDFSKPFMTLGVSILYRKGTPIDSADDLAKQTKIEYGAVKDGATMTFFKKSKISTFEKMW
AFMSSKPSALVKNNEEGIQRTLTADYALLMESTTIEYITQRNCNLTQIGGLIDSKGYGIGTPMGSPYRDKITIAILQLQE
EDKLHIMKEKWWRGSGCP
;
_entity_poly.pdbx_strand_id   A,B
#
loop_
_chem_comp.id
_chem_comp.type
_chem_comp.name
_chem_comp.formula
CG8 non-polymer '(2~{S})-2-azanyl-3-[6-methyl-2,4-bis(oxidanylidene)-5,7-dihydropyrrolo[3,4-d]pyrimidin-1-yl]propanoic acid' 'C10 H14 N4 O4'
CL non-polymer 'CHLORIDE ION' 'Cl -1'
SO4 non-polymer 'SULFATE ION' 'O4 S -2'
ZN non-polymer 'ZINC ION' 'Zn 2'
#
# COMPACT_ATOMS: atom_id res chain seq x y z
N ASN A 5 -12.72 -22.77 26.29
CA ASN A 5 -12.58 -23.46 27.57
C ASN A 5 -11.27 -24.25 27.62
N ARG A 6 -10.17 -23.51 27.59
CA ARG A 6 -8.82 -24.08 27.58
C ARG A 6 -7.83 -22.94 27.42
N SER A 7 -6.59 -23.19 27.81
CA SER A 7 -5.57 -22.16 27.71
C SER A 7 -5.19 -21.93 26.25
N LEU A 8 -4.97 -20.67 25.91
CA LEU A 8 -4.63 -20.29 24.55
C LEU A 8 -3.14 -20.45 24.31
N ILE A 9 -2.79 -20.94 23.13
CA ILE A 9 -1.40 -21.05 22.72
C ILE A 9 -0.99 -19.73 22.08
N VAL A 10 0.03 -19.10 22.63
CA VAL A 10 0.56 -17.82 22.15
C VAL A 10 1.91 -18.08 21.53
N THR A 11 2.03 -17.81 20.23
CA THR A 11 3.31 -17.90 19.54
C THR A 11 4.00 -16.55 19.54
N THR A 12 5.34 -16.58 19.58
CA THR A 12 6.14 -15.36 19.65
C THR A 12 7.58 -15.74 19.33
N LEU A 13 8.47 -14.73 19.36
CA LEU A 13 9.89 -14.97 19.21
C LEU A 13 10.64 -13.95 20.06
N LEU A 14 11.89 -14.27 20.36
CA LEU A 14 12.71 -13.43 21.22
C LEU A 14 13.23 -12.22 20.46
N GLU A 15 13.05 -11.04 21.04
CA GLU A 15 13.60 -9.83 20.45
C GLU A 15 13.51 -8.65 21.42
N GLU A 16 14.64 -8.02 21.69
CA GLU A 16 14.69 -6.89 22.60
C GLU A 16 13.94 -5.70 22.01
N PRO A 17 13.12 -4.99 22.80
CA PRO A 17 12.68 -5.20 24.19
C PRO A 17 11.29 -5.82 24.28
N PHE A 18 10.88 -6.54 23.24
CA PHE A 18 9.51 -7.03 23.23
C PHE A 18 9.38 -8.34 24.00
N VAL A 19 10.26 -9.29 23.74
CA VAL A 19 10.20 -10.61 24.37
C VAL A 19 11.63 -11.07 24.63
N MET A 20 11.99 -11.26 25.90
CA MET A 20 13.34 -11.63 26.26
C MET A 20 13.29 -12.66 27.37
N PHE A 21 14.32 -13.48 27.45
CA PHE A 21 14.48 -14.37 28.59
C PHE A 21 14.85 -13.53 29.81
N ARG A 22 14.02 -13.62 30.85
CA ARG A 22 14.30 -12.89 32.09
C ARG A 22 15.56 -13.42 32.75
N LYS A 23 16.38 -12.50 33.25
CA LYS A 23 17.63 -12.88 33.89
C LYS A 23 17.37 -13.35 35.31
N SER A 24 17.97 -14.47 35.69
CA SER A 24 17.75 -15.02 37.02
C SER A 24 18.82 -16.07 37.29
N ASP A 25 19.20 -16.18 38.57
CA ASP A 25 20.15 -17.22 38.96
C ASP A 25 19.47 -18.58 39.00
N ARG A 26 18.23 -18.63 39.45
CA ARG A 26 17.47 -19.88 39.47
C ARG A 26 17.02 -20.24 38.06
N THR A 27 16.76 -21.53 37.86
CA THR A 27 16.21 -22.01 36.59
C THR A 27 14.70 -21.76 36.56
N LEU A 28 14.23 -21.09 35.52
CA LEU A 28 12.83 -20.78 35.38
C LEU A 28 12.19 -21.63 34.29
N TYR A 29 10.88 -21.84 34.42
CA TYR A 29 10.13 -22.66 33.49
C TYR A 29 8.83 -21.93 33.14
N GLY A 30 8.20 -22.38 32.04
CA GLY A 30 6.90 -21.85 31.69
C GLY A 30 6.96 -20.39 31.28
N ASN A 31 5.83 -19.71 31.51
CA ASN A 31 5.71 -18.32 31.10
C ASN A 31 6.62 -17.39 31.88
N ASP A 32 7.10 -17.82 33.04
CA ASP A 32 7.93 -16.95 33.86
C ASP A 32 9.33 -16.77 33.28
N ARG A 33 9.70 -17.54 32.25
CA ARG A 33 10.97 -17.35 31.57
C ARG A 33 11.05 -16.01 30.85
N PHE A 34 9.92 -15.39 30.55
CA PHE A 34 9.86 -14.27 29.62
C PHE A 34 9.55 -12.96 30.34
N GLU A 35 10.06 -11.87 29.75
CA GLU A 35 9.70 -10.52 30.15
C GLU A 35 9.76 -9.64 28.91
N GLY A 36 9.17 -8.46 29.02
CA GLY A 36 9.21 -7.48 27.96
C GLY A 36 7.86 -6.83 27.71
N TYR A 37 7.86 -5.89 26.78
CA TYR A 37 6.65 -5.15 26.43
C TYR A 37 5.53 -6.10 26.04
N CYS A 38 5.80 -7.04 25.14
CA CYS A 38 4.76 -7.94 24.66
C CYS A 38 4.30 -8.90 25.76
N ILE A 39 5.20 -9.24 26.69
CA ILE A 39 4.78 -10.07 27.82
C ILE A 39 3.86 -9.29 28.73
N ASP A 40 4.20 -8.03 29.03
CA ASP A 40 3.31 -7.17 29.80
C ASP A 40 1.98 -6.99 29.08
N LEU A 41 2.02 -6.82 27.75
CA LEU A 41 0.79 -6.64 26.99
C LEU A 41 -0.10 -7.87 27.10
N LEU A 42 0.47 -9.06 26.89
CA LEU A 42 -0.31 -10.28 27.00
C LEU A 42 -0.91 -10.44 28.39
N LYS A 43 -0.15 -10.08 29.43
CA LYS A 43 -0.67 -10.18 30.79
C LYS A 43 -1.87 -9.25 30.99
N GLU A 44 -1.80 -8.04 30.45
CA GLU A 44 -2.93 -7.11 30.58
C GLU A 44 -4.13 -7.60 29.78
N LEU A 45 -3.91 -8.06 28.55
CA LEU A 45 -5.01 -8.58 27.73
C LEU A 45 -5.65 -9.79 28.40
N ALA A 46 -4.83 -10.71 28.91
CA ALA A 46 -5.37 -11.89 29.57
C ALA A 46 -6.20 -11.53 30.78
N HIS A 47 -5.85 -10.45 31.48
CA HIS A 47 -6.63 -10.04 32.64
C HIS A 47 -7.97 -9.45 32.23
N ILE A 48 -7.98 -8.60 31.21
CA ILE A 48 -9.22 -7.98 30.74
C ILE A 48 -10.14 -9.02 30.14
N LEU A 49 -9.60 -9.86 29.26
CA LEU A 49 -10.42 -10.85 28.58
C LEU A 49 -10.63 -12.12 29.41
N GLY A 50 -9.80 -12.35 30.42
CA GLY A 50 -9.99 -13.48 31.30
C GLY A 50 -9.73 -14.82 30.65
N PHE A 51 -8.50 -15.04 30.17
CA PHE A 51 -8.11 -16.33 29.62
C PHE A 51 -6.73 -16.70 30.16
N SER A 52 -6.46 -18.00 30.15
CA SER A 52 -5.15 -18.54 30.47
C SER A 52 -4.41 -18.83 29.17
N TYR A 53 -3.08 -18.80 29.24
CA TYR A 53 -2.27 -18.91 28.03
C TYR A 53 -0.97 -19.62 28.32
N GLU A 54 -0.35 -20.14 27.26
CA GLU A 54 0.97 -20.75 27.30
C GLU A 54 1.82 -20.14 26.21
N ILE A 55 2.94 -19.53 26.59
CA ILE A 55 3.83 -18.89 25.63
C ILE A 55 4.73 -19.97 25.02
N ARG A 56 4.71 -20.05 23.69
CA ARG A 56 5.59 -20.95 22.93
C ARG A 56 6.32 -20.14 21.88
N LEU A 57 7.62 -20.36 21.76
CA LEU A 57 8.42 -19.67 20.77
C LEU A 57 8.30 -20.38 19.42
N VAL A 58 8.11 -19.61 18.35
CA VAL A 58 8.01 -20.19 17.03
C VAL A 58 9.34 -20.85 16.67
N GLU A 59 9.27 -22.09 16.18
CA GLU A 59 10.47 -22.89 15.99
C GLU A 59 11.43 -22.21 15.02
N ASP A 60 10.96 -21.84 13.83
CA ASP A 60 11.84 -21.26 12.83
C ASP A 60 12.30 -19.85 13.18
N GLY A 61 11.74 -19.24 14.21
CA GLY A 61 12.18 -17.92 14.64
C GLY A 61 11.95 -16.81 13.63
N LYS A 62 11.03 -17.00 12.69
CA LYS A 62 10.73 -16.00 11.68
C LYS A 62 9.38 -15.35 11.96
N TYR A 63 9.21 -14.13 11.46
CA TYR A 63 7.93 -13.44 11.61
C TYR A 63 6.90 -13.99 10.63
N GLY A 64 7.25 -14.10 9.36
CA GLY A 64 6.33 -14.63 8.37
C GLY A 64 6.46 -13.98 7.01
N ALA A 65 6.75 -14.79 5.99
CA ALA A 65 6.81 -14.32 4.62
C ALA A 65 6.42 -15.45 3.69
N GLN A 66 6.13 -15.10 2.45
CA GLN A 66 5.70 -16.06 1.44
C GLN A 66 6.85 -16.38 0.50
N ASP A 67 7.01 -17.66 0.19
CA ASP A 67 7.94 -18.08 -0.85
C ASP A 67 7.31 -17.86 -2.22
N ASP A 68 8.04 -18.29 -3.25
CA ASP A 68 7.53 -18.19 -4.62
C ASP A 68 6.38 -19.16 -4.89
N LYS A 69 6.01 -19.98 -3.89
CA LYS A 69 4.88 -20.89 -4.02
C LYS A 69 3.60 -20.33 -3.42
N GLY A 70 3.72 -19.39 -2.48
CA GLY A 70 2.58 -18.83 -1.79
C GLY A 70 2.40 -19.33 -0.38
N GLN A 71 3.33 -20.15 0.11
CA GLN A 71 3.24 -20.74 1.44
C GLN A 71 3.98 -19.87 2.46
N TRP A 72 3.44 -19.82 3.67
CA TRP A 72 3.94 -18.95 4.72
C TRP A 72 4.89 -19.70 5.65
N ASN A 73 5.66 -18.93 6.42
CA ASN A 73 6.53 -19.45 7.45
C ASN A 73 6.37 -18.59 8.70
N GLY A 74 7.20 -18.84 9.70
CA GLY A 74 7.22 -18.01 10.89
C GLY A 74 5.90 -18.06 11.66
N MET A 75 5.68 -17.01 12.45
CA MET A 75 4.47 -16.94 13.27
C MET A 75 3.22 -16.95 12.42
N VAL A 76 3.25 -16.35 11.23
CA VAL A 76 2.08 -16.35 10.36
C VAL A 76 1.64 -17.79 10.08
N LYS A 77 2.60 -18.65 9.72
CA LYS A 77 2.25 -20.03 9.42
C LYS A 77 1.61 -20.72 10.63
N GLU A 78 2.11 -20.44 11.83
CA GLU A 78 1.55 -21.05 13.03
C GLU A 78 0.06 -20.73 13.17
N LEU A 79 -0.35 -19.51 12.81
CA LEU A 79 -1.76 -19.15 12.91
C LEU A 79 -2.58 -19.81 11.80
N ILE A 80 -2.07 -19.78 10.57
CA ILE A 80 -2.80 -20.40 9.45
C ILE A 80 -3.07 -21.86 9.77
N ASP A 81 -2.06 -22.58 10.25
CA ASP A 81 -2.22 -23.98 10.61
C ASP A 81 -2.98 -24.17 11.92
N HIS A 82 -3.43 -23.09 12.57
CA HIS A 82 -4.16 -23.18 13.84
C HIS A 82 -3.33 -23.88 14.91
N LYS A 83 -2.00 -23.79 14.80
CA LYS A 83 -1.11 -24.27 15.83
C LYS A 83 -0.94 -23.26 16.97
N ALA A 84 -1.50 -22.06 16.84
CA ALA A 84 -1.44 -21.06 17.88
C ALA A 84 -2.71 -20.22 17.83
N ASP A 85 -3.19 -19.81 19.00
CA ASP A 85 -4.40 -19.01 19.06
C ASP A 85 -4.10 -17.52 18.87
N LEU A 86 -3.01 -17.03 19.43
CA LEU A 86 -2.62 -15.64 19.33
C LEU A 86 -1.16 -15.56 18.93
N ALA A 87 -0.84 -14.50 18.19
CA ALA A 87 0.54 -14.12 17.91
C ALA A 87 0.76 -12.79 18.59
N VAL A 88 1.51 -12.79 19.68
CA VAL A 88 1.79 -11.60 20.46
C VAL A 88 3.27 -11.28 20.25
N ALA A 89 3.53 -10.30 19.40
CA ALA A 89 4.87 -9.92 19.03
C ALA A 89 4.79 -8.65 18.19
N PRO A 90 5.89 -7.95 17.96
CA PRO A 90 5.86 -6.83 17.01
C PRO A 90 5.51 -7.33 15.62
N LEU A 91 4.25 -7.71 15.43
CA LEU A 91 3.79 -8.32 14.18
C LEU A 91 3.12 -7.24 13.34
N THR A 92 3.71 -6.95 12.19
CA THR A 92 3.24 -5.83 11.38
C THR A 92 1.95 -6.18 10.65
N ILE A 93 0.99 -5.25 10.71
CA ILE A 93 -0.28 -5.40 10.01
C ILE A 93 -0.06 -4.98 8.56
N THR A 94 -0.15 -5.93 7.63
CA THR A 94 0.00 -5.64 6.21
C THR A 94 -1.22 -6.16 5.47
N HIS A 95 -1.55 -5.50 4.36
CA HIS A 95 -2.70 -5.91 3.56
C HIS A 95 -2.53 -7.34 3.08
N VAL A 96 -1.30 -7.74 2.74
CA VAL A 96 -1.07 -9.09 2.24
C VAL A 96 -1.41 -10.13 3.30
N ARG A 97 -0.98 -9.89 4.55
CA ARG A 97 -1.21 -10.87 5.61
C ARG A 97 -2.69 -10.93 6.00
N GLU A 98 -3.43 -9.84 5.83
CA GLU A 98 -4.85 -9.84 6.17
C GLU A 98 -5.64 -10.87 5.40
N LYS A 99 -5.09 -11.39 4.30
CA LYS A 99 -5.75 -12.43 3.52
C LYS A 99 -5.48 -13.83 4.05
N ALA A 100 -4.54 -13.99 4.98
CA ALA A 100 -4.23 -15.29 5.54
C ALA A 100 -4.52 -15.39 7.03
N ILE A 101 -4.45 -14.29 7.77
CA ILE A 101 -4.73 -14.26 9.20
C ILE A 101 -5.53 -13.00 9.50
N ASP A 102 -5.99 -12.89 10.73
CA ASP A 102 -6.70 -11.71 11.22
C ASP A 102 -5.82 -10.95 12.20
N PHE A 103 -5.94 -9.61 12.17
CA PHE A 103 -5.21 -8.72 13.05
C PHE A 103 -6.20 -7.92 13.88
N SER A 104 -5.87 -7.74 15.16
CA SER A 104 -6.58 -6.76 15.96
C SER A 104 -6.24 -5.35 15.46
N LYS A 105 -6.90 -4.35 16.04
CA LYS A 105 -6.48 -2.99 15.83
C LYS A 105 -5.04 -2.84 16.35
N PRO A 106 -4.27 -1.91 15.78
CA PRO A 106 -2.87 -1.77 16.19
C PRO A 106 -2.74 -1.31 17.63
N PHE A 107 -1.79 -1.90 18.35
CA PHE A 107 -1.43 -1.44 19.68
C PHE A 107 -0.20 -0.53 19.66
N MET A 108 0.41 -0.34 18.50
CA MET A 108 1.60 0.50 18.36
C MET A 108 1.75 0.87 16.90
N THR A 109 2.03 2.15 16.64
CA THR A 109 2.30 2.62 15.29
C THR A 109 3.78 2.85 15.09
N LEU A 110 4.24 2.69 13.85
CA LEU A 110 5.66 2.75 13.54
C LEU A 110 5.82 3.07 12.06
N GLY A 111 7.05 2.96 11.58
CA GLY A 111 7.34 3.09 10.17
C GLY A 111 8.73 2.58 9.90
N VAL A 112 9.00 2.33 8.62
CA VAL A 112 10.33 1.89 8.20
C VAL A 112 11.24 3.10 8.11
N SER A 113 12.45 2.96 8.62
CA SER A 113 13.46 4.01 8.52
C SER A 113 14.81 3.33 8.36
N ILE A 114 15.89 4.08 8.61
CA ILE A 114 17.24 3.62 8.33
C ILE A 114 18.06 3.74 9.61
N LEU A 115 18.82 2.68 9.91
CA LEU A 115 19.78 2.68 11.01
C LEU A 115 21.18 2.78 10.41
N TYR A 116 21.96 3.74 10.89
CA TYR A 116 23.29 3.99 10.35
C TYR A 116 24.07 4.76 11.42
N ARG A 117 25.38 4.88 11.21
CA ARG A 117 26.20 5.58 12.18
C ARG A 117 26.09 7.10 11.99
N LYS A 118 26.52 7.84 13.02
CA LYS A 118 26.43 9.29 13.03
C LYS A 118 27.56 9.91 12.22
N GLY A 119 27.48 11.23 12.06
CA GLY A 119 28.52 12.00 11.39
C GLY A 119 28.77 11.50 9.98
N THR A 120 27.74 11.55 9.15
CA THR A 120 27.81 11.05 7.78
C THR A 120 27.03 12.00 6.88
N PRO A 121 27.40 12.07 5.60
CA PRO A 121 26.64 12.92 4.67
C PRO A 121 25.33 12.32 4.19
N ILE A 122 25.00 11.08 4.59
CA ILE A 122 23.80 10.42 4.11
C ILE A 122 22.59 10.90 4.89
N ASP A 123 21.50 11.17 4.19
CA ASP A 123 20.31 11.72 4.82
C ASP A 123 19.00 11.10 4.34
N SER A 124 19.02 10.21 3.35
CA SER A 124 17.78 9.68 2.82
C SER A 124 17.99 8.29 2.23
N ALA A 125 16.87 7.58 2.02
CA ALA A 125 16.91 6.32 1.32
C ALA A 125 17.39 6.48 -0.12
N ASP A 126 17.08 7.63 -0.73
CA ASP A 126 17.56 7.86 -2.10
C ASP A 126 19.08 7.95 -2.15
N ASP A 127 19.72 8.44 -1.09
CA ASP A 127 21.17 8.49 -1.07
C ASP A 127 21.76 7.09 -1.11
N LEU A 128 21.13 6.13 -0.43
CA LEU A 128 21.59 4.74 -0.49
C LEU A 128 21.39 4.17 -1.88
N ALA A 129 20.26 4.49 -2.53
CA ALA A 129 19.98 3.97 -3.86
C ALA A 129 20.89 4.59 -4.91
N LYS A 130 21.37 5.82 -4.67
CA LYS A 130 22.22 6.48 -5.65
C LYS A 130 23.65 5.96 -5.68
N GLN A 131 24.01 5.05 -4.78
CA GLN A 131 25.39 4.60 -4.66
C GLN A 131 25.44 3.11 -4.36
N THR A 132 26.65 2.57 -4.45
CA THR A 132 26.90 1.16 -4.18
C THR A 132 28.02 0.92 -3.16
N LYS A 133 28.78 1.95 -2.79
CA LYS A 133 29.86 1.78 -1.83
C LYS A 133 29.31 1.36 -0.46
N ILE A 134 28.29 2.07 0.03
CA ILE A 134 27.66 1.75 1.30
C ILE A 134 26.64 0.65 1.07
N GLU A 135 26.83 -0.49 1.73
CA GLU A 135 25.88 -1.58 1.63
C GLU A 135 24.67 -1.32 2.52
N TYR A 136 23.55 -1.96 2.17
CA TYR A 136 22.35 -1.84 2.99
C TYR A 136 21.48 -3.08 2.77
N GLY A 137 20.57 -3.29 3.71
CA GLY A 137 19.72 -4.46 3.67
C GLY A 137 18.69 -4.43 4.76
N ALA A 138 18.10 -5.60 5.03
CA ALA A 138 17.04 -5.73 6.01
C ALA A 138 17.04 -7.15 6.54
N VAL A 139 16.13 -7.41 7.47
CA VAL A 139 15.99 -8.74 8.06
C VAL A 139 15.29 -9.66 7.07
N LYS A 140 15.69 -10.92 7.06
CA LYS A 140 15.14 -11.88 6.13
C LYS A 140 13.73 -12.27 6.52
N ASP A 141 12.84 -12.32 5.52
CA ASP A 141 11.47 -12.82 5.68
C ASP A 141 10.65 -11.99 6.67
N GLY A 142 11.01 -10.72 6.83
CA GLY A 142 10.24 -9.81 7.65
C GLY A 142 9.38 -8.90 6.79
N ALA A 143 8.50 -8.16 7.47
CA ALA A 143 7.65 -7.20 6.76
C ALA A 143 8.50 -6.13 6.06
N THR A 144 9.67 -5.80 6.61
CA THR A 144 10.51 -4.78 5.99
C THR A 144 11.09 -5.28 4.68
N MET A 145 11.61 -6.51 4.67
CA MET A 145 12.07 -7.10 3.41
C MET A 145 10.92 -7.21 2.42
N THR A 146 9.75 -7.62 2.89
CA THR A 146 8.59 -7.76 2.01
C THR A 146 8.22 -6.43 1.40
N PHE A 147 8.35 -5.34 2.16
CA PHE A 147 8.01 -4.02 1.65
C PHE A 147 8.85 -3.67 0.43
N PHE A 148 10.16 -3.94 0.49
CA PHE A 148 11.03 -3.63 -0.62
C PHE A 148 10.87 -4.64 -1.76
N LYS A 149 10.57 -5.90 -1.45
CA LYS A 149 10.42 -6.90 -2.50
C LYS A 149 9.15 -6.70 -3.31
N LYS A 150 8.11 -6.13 -2.69
CA LYS A 150 6.83 -5.92 -3.35
C LYS A 150 6.60 -4.49 -3.82
N SER A 151 7.49 -3.56 -3.45
CA SER A 151 7.27 -2.16 -3.79
C SER A 151 7.31 -1.96 -5.30
N LYS A 152 6.46 -1.05 -5.77
CA LYS A 152 6.44 -0.64 -7.17
C LYS A 152 6.99 0.76 -7.36
N ILE A 153 7.56 1.36 -6.31
CA ILE A 153 8.21 2.65 -6.41
C ILE A 153 9.63 2.45 -6.92
N SER A 154 10.03 3.27 -7.89
CA SER A 154 11.30 3.05 -8.58
C SER A 154 12.47 2.99 -7.61
N THR A 155 12.51 3.91 -6.64
CA THR A 155 13.62 3.93 -5.70
C THR A 155 13.70 2.62 -4.93
N PHE A 156 12.56 2.11 -4.45
CA PHE A 156 12.58 0.93 -3.61
C PHE A 156 12.81 -0.34 -4.41
N GLU A 157 12.25 -0.44 -5.62
CA GLU A 157 12.52 -1.60 -6.45
C GLU A 157 13.97 -1.61 -6.91
N LYS A 158 14.63 -0.46 -6.92
CA LYS A 158 16.07 -0.43 -7.17
C LYS A 158 16.85 -0.86 -5.93
N MET A 159 16.45 -0.37 -4.75
CA MET A 159 17.09 -0.80 -3.51
C MET A 159 16.92 -2.30 -3.30
N TRP A 160 15.76 -2.84 -3.66
CA TRP A 160 15.55 -4.28 -3.52
C TRP A 160 16.47 -5.05 -4.46
N ALA A 161 16.74 -4.50 -5.65
CA ALA A 161 17.69 -5.13 -6.55
C ALA A 161 19.09 -5.17 -5.94
N PHE A 162 19.47 -4.10 -5.24
CA PHE A 162 20.78 -4.05 -4.59
C PHE A 162 20.84 -4.98 -3.38
N MET A 163 19.72 -5.10 -2.66
CA MET A 163 19.68 -5.96 -1.47
C MET A 163 19.80 -7.42 -1.85
N SER A 164 19.14 -7.82 -2.94
CA SER A 164 19.11 -9.21 -3.38
C SER A 164 20.30 -9.59 -4.25
N SER A 165 21.18 -8.64 -4.57
CA SER A 165 22.37 -8.93 -5.38
C SER A 165 23.60 -9.23 -4.55
N LYS A 166 23.54 -9.02 -3.23
CA LYS A 166 24.64 -9.32 -2.33
C LYS A 166 24.19 -10.40 -1.35
N PRO A 167 24.98 -11.46 -1.14
CA PRO A 167 24.48 -12.57 -0.33
C PRO A 167 24.23 -12.18 1.11
N SER A 168 25.13 -11.41 1.71
CA SER A 168 25.06 -11.06 3.12
C SER A 168 24.31 -9.76 3.38
N ALA A 169 23.59 -9.22 2.38
CA ALA A 169 22.87 -7.97 2.60
C ALA A 169 21.67 -8.18 3.51
N LEU A 170 20.93 -9.27 3.31
CA LEU A 170 19.81 -9.60 4.18
C LEU A 170 20.33 -10.44 5.35
N VAL A 171 19.91 -10.09 6.55
CA VAL A 171 20.43 -10.72 7.76
C VAL A 171 19.37 -11.64 8.36
N LYS A 172 19.83 -12.52 9.25
CA LYS A 172 18.95 -13.51 9.85
C LYS A 172 18.04 -12.90 10.91
N ASN A 173 18.55 -11.91 11.66
CA ASN A 173 17.78 -11.30 12.73
C ASN A 173 18.33 -9.90 13.00
N ASN A 174 17.70 -9.21 13.95
CA ASN A 174 18.11 -7.85 14.27
C ASN A 174 19.57 -7.80 14.72
N GLU A 175 19.98 -8.73 15.56
CA GLU A 175 21.33 -8.67 16.10
C GLU A 175 22.37 -8.74 14.99
N GLU A 176 22.16 -9.60 13.99
CA GLU A 176 23.11 -9.66 12.89
C GLU A 176 23.14 -8.35 12.11
N GLY A 177 21.96 -7.76 11.88
CA GLY A 177 21.91 -6.48 11.20
C GLY A 177 22.55 -5.36 12.01
N ILE A 178 22.29 -5.34 13.32
CA ILE A 178 22.87 -4.32 14.17
C ILE A 178 24.38 -4.45 14.21
N GLN A 179 24.88 -5.68 14.40
CA GLN A 179 26.32 -5.89 14.44
C GLN A 179 26.97 -5.59 13.09
N ARG A 180 26.25 -5.83 11.99
CA ARG A 180 26.82 -5.51 10.68
C ARG A 180 26.94 -4.01 10.50
N THR A 181 25.97 -3.26 11.02
CA THR A 181 26.04 -1.81 10.98
C THR A 181 27.21 -1.30 11.82
N LEU A 182 27.63 -2.05 12.83
CA LEU A 182 28.71 -1.61 13.70
C LEU A 182 30.08 -1.97 13.16
N THR A 183 30.21 -3.13 12.52
CA THR A 183 31.50 -3.64 12.09
C THR A 183 31.84 -3.30 10.65
N ALA A 184 30.85 -3.02 9.82
CA ALA A 184 31.07 -2.74 8.41
C ALA A 184 30.35 -1.45 8.05
N ASP A 185 30.68 -0.93 6.86
CA ASP A 185 30.02 0.24 6.31
C ASP A 185 28.68 -0.22 5.74
N TYR A 186 27.66 -0.26 6.59
CA TYR A 186 26.41 -0.90 6.25
C TYR A 186 25.26 -0.18 6.95
N ALA A 187 24.19 0.10 6.21
CA ALA A 187 22.98 0.71 6.75
C ALA A 187 21.87 -0.32 6.78
N LEU A 188 21.05 -0.29 7.83
CA LEU A 188 20.04 -1.31 8.05
C LEU A 188 18.65 -0.69 7.92
N LEU A 189 17.86 -1.23 6.99
CA LEU A 189 16.45 -0.83 6.86
C LEU A 189 15.68 -1.54 7.96
N MET A 190 15.15 -0.76 8.90
CA MET A 190 14.63 -1.31 10.14
C MET A 190 13.46 -0.46 10.59
N GLU A 191 12.58 -1.08 11.38
CA GLU A 191 11.39 -0.40 11.84
C GLU A 191 11.73 0.57 12.96
N SER A 192 11.05 1.71 12.97
CA SER A 192 11.47 2.86 13.76
C SER A 192 11.44 2.56 15.26
N THR A 193 10.58 1.63 15.68
CA THR A 193 10.49 1.30 17.11
C THR A 193 11.81 0.75 17.63
N THR A 194 12.41 -0.19 16.90
CA THR A 194 13.70 -0.75 17.32
C THR A 194 14.80 0.29 17.16
N ILE A 195 14.73 1.12 16.12
CA ILE A 195 15.73 2.17 15.95
C ILE A 195 15.75 3.07 17.17
N GLU A 196 14.57 3.47 17.65
CA GLU A 196 14.50 4.29 18.85
C GLU A 196 15.17 3.60 20.02
N TYR A 197 14.93 2.29 20.18
CA TYR A 197 15.51 1.54 21.28
C TYR A 197 17.02 1.46 21.16
N ILE A 198 17.54 1.27 19.95
CA ILE A 198 18.98 1.15 19.75
C ILE A 198 19.66 2.50 19.92
N THR A 199 19.18 3.52 19.19
CA THR A 199 19.82 4.83 19.25
C THR A 199 19.79 5.42 20.65
N GLN A 200 18.95 4.88 21.54
CA GLN A 200 18.92 5.32 22.92
C GLN A 200 20.02 4.68 23.75
N ARG A 201 20.55 3.54 23.32
CA ARG A 201 21.60 2.84 24.04
C ARG A 201 22.92 2.79 23.28
N ASN A 202 22.97 3.27 22.04
CA ASN A 202 24.20 3.37 21.27
C ASN A 202 24.27 4.78 20.70
N CYS A 203 25.05 5.64 21.35
CA CYS A 203 25.16 7.04 20.96
C CYS A 203 25.92 7.24 19.66
N ASN A 204 26.48 6.18 19.09
CA ASN A 204 27.20 6.27 17.83
C ASN A 204 26.34 5.87 16.64
N LEU A 205 25.10 5.48 16.88
CA LEU A 205 24.15 5.17 15.83
C LEU A 205 23.00 6.17 15.89
N THR A 206 22.36 6.37 14.74
CA THR A 206 21.27 7.32 14.63
C THR A 206 20.32 6.85 13.53
N GLN A 207 19.12 7.42 13.55
CA GLN A 207 18.15 7.22 12.49
C GLN A 207 18.44 8.20 11.36
N ILE A 208 18.50 7.69 10.14
CA ILE A 208 18.73 8.52 8.95
C ILE A 208 17.39 8.79 8.29
N GLY A 209 17.11 10.06 8.01
CA GLY A 209 15.86 10.43 7.41
C GLY A 209 14.70 10.16 8.36
N GLY A 210 13.50 10.20 7.79
CA GLY A 210 12.28 9.96 8.51
C GLY A 210 11.71 8.58 8.24
N LEU A 211 10.39 8.49 8.32
CA LEU A 211 9.69 7.23 8.08
C LEU A 211 9.38 7.08 6.60
N ILE A 212 9.78 5.96 6.01
CA ILE A 212 9.51 5.69 4.61
C ILE A 212 8.08 5.23 4.40
N ASP A 213 7.45 4.69 5.43
CA ASP A 213 6.04 4.33 5.38
C ASP A 213 5.47 4.45 6.80
N SER A 214 4.21 4.08 6.95
CA SER A 214 3.52 4.15 8.24
C SER A 214 2.64 2.93 8.39
N LYS A 215 2.76 2.25 9.51
CA LYS A 215 2.01 1.01 9.75
C LYS A 215 1.94 0.78 11.25
N GLY A 216 1.37 -0.36 11.63
CA GLY A 216 1.16 -0.66 13.03
C GLY A 216 1.41 -2.12 13.33
N TYR A 217 1.59 -2.38 14.62
CA TYR A 217 1.68 -3.74 15.14
C TYR A 217 0.33 -4.16 15.69
N GLY A 218 -0.09 -5.38 15.34
CA GLY A 218 -1.34 -5.90 15.84
C GLY A 218 -1.16 -7.32 16.36
N ILE A 219 -2.10 -7.74 17.19
CA ILE A 219 -2.16 -9.11 17.67
C ILE A 219 -2.71 -9.98 16.54
N GLY A 220 -1.97 -11.01 16.17
CA GLY A 220 -2.40 -11.90 15.11
C GLY A 220 -3.21 -13.07 15.67
N THR A 221 -4.25 -13.43 14.94
CA THR A 221 -5.08 -14.57 15.29
C THR A 221 -5.40 -15.31 13.99
N PRO A 222 -5.77 -16.59 14.08
CA PRO A 222 -6.23 -17.29 12.87
C PRO A 222 -7.47 -16.61 12.32
N MET A 223 -7.63 -16.70 11.00
CA MET A 223 -8.75 -16.04 10.34
C MET A 223 -10.07 -16.55 10.91
N GLY A 224 -10.98 -15.61 11.17
CA GLY A 224 -12.28 -15.94 11.75
C GLY A 224 -12.29 -16.16 13.24
N SER A 225 -11.19 -15.87 13.94
CA SER A 225 -11.16 -16.13 15.37
C SER A 225 -12.04 -15.11 16.11
N PRO A 226 -12.81 -15.56 17.11
CA PRO A 226 -13.61 -14.60 17.91
C PRO A 226 -12.76 -13.73 18.82
N TYR A 227 -11.52 -14.11 19.12
CA TYR A 227 -10.70 -13.30 20.03
C TYR A 227 -10.19 -12.04 19.38
N ARG A 228 -10.27 -11.92 18.05
CA ARG A 228 -9.71 -10.76 17.38
C ARG A 228 -10.44 -9.50 17.82
N ASP A 229 -11.77 -9.49 17.71
CA ASP A 229 -12.54 -8.32 18.11
C ASP A 229 -12.45 -8.08 19.61
N LYS A 230 -12.39 -9.16 20.41
CA LYS A 230 -12.24 -8.98 21.85
C LYS A 230 -10.90 -8.35 22.20
N ILE A 231 -9.84 -8.75 21.49
CA ILE A 231 -8.53 -8.16 21.73
C ILE A 231 -8.52 -6.70 21.32
N THR A 232 -9.19 -6.37 20.21
CA THR A 232 -9.32 -4.98 19.82
C THR A 232 -9.99 -4.16 20.92
N ILE A 233 -11.09 -4.66 21.47
CA ILE A 233 -11.77 -3.94 22.53
C ILE A 233 -10.86 -3.78 23.75
N ALA A 234 -10.05 -4.80 24.05
CA ALA A 234 -9.13 -4.70 25.18
C ALA A 234 -8.02 -3.70 24.91
N ILE A 235 -7.51 -3.69 23.67
CA ILE A 235 -6.46 -2.74 23.31
C ILE A 235 -6.99 -1.32 23.44
N LEU A 236 -8.19 -1.06 22.92
CA LEU A 236 -8.78 0.27 23.05
C LEU A 236 -8.92 0.66 24.52
N GLN A 237 -9.30 -0.28 25.38
CA GLN A 237 -9.42 0.02 26.80
C GLN A 237 -8.07 0.39 27.41
N LEU A 238 -7.00 -0.30 27.00
CA LEU A 238 -5.68 0.01 27.51
C LEU A 238 -5.19 1.37 27.04
N GLN A 239 -5.53 1.75 25.79
CA GLN A 239 -5.23 3.09 25.32
C GLN A 239 -5.95 4.13 26.16
N GLU A 240 -7.25 3.91 26.41
CA GLU A 240 -8.03 4.88 27.18
C GLU A 240 -7.48 5.03 28.58
N GLU A 241 -6.95 3.95 29.16
CA GLU A 241 -6.39 3.97 30.50
C GLU A 241 -4.93 4.39 30.52
N ASP A 242 -4.36 4.74 29.37
CA ASP A 242 -2.98 5.21 29.26
C ASP A 242 -1.97 4.12 29.65
N LYS A 243 -2.38 2.86 29.62
CA LYS A 243 -1.47 1.79 30.01
C LYS A 243 -0.48 1.42 28.91
N LEU A 244 -0.84 1.60 27.63
CA LEU A 244 0.13 1.39 26.58
C LEU A 244 1.20 2.47 26.58
N HIS A 245 0.85 3.67 27.07
CA HIS A 245 1.83 4.72 27.24
C HIS A 245 2.87 4.33 28.30
N ILE A 246 2.41 3.82 29.43
CA ILE A 246 3.31 3.42 30.50
C ILE A 246 4.20 2.26 30.06
N MET A 247 3.62 1.31 29.34
CA MET A 247 4.38 0.11 28.95
C MET A 247 5.53 0.47 28.02
N LYS A 248 5.30 1.37 27.07
CA LYS A 248 6.38 1.77 26.16
C LYS A 248 7.49 2.45 26.94
N GLU A 249 7.12 3.37 27.83
CA GLU A 249 8.13 4.09 28.61
C GLU A 249 8.82 3.18 29.61
N LYS A 250 8.18 2.07 30.01
CA LYS A 250 8.85 1.12 30.89
C LYS A 250 9.97 0.40 30.16
N TRP A 251 9.75 0.00 28.92
CA TRP A 251 10.74 -0.80 28.20
C TRP A 251 11.60 0.02 27.25
N TRP A 252 11.20 1.26 26.96
CA TRP A 252 12.06 2.21 26.26
C TRP A 252 12.62 3.11 27.37
N ARG A 253 13.71 2.66 28.00
CA ARG A 253 14.26 3.34 29.16
C ARG A 253 14.47 4.83 28.88
N GLY A 254 15.31 5.14 27.92
CA GLY A 254 15.54 6.52 27.52
C GLY A 254 16.91 6.70 26.92
N SER A 255 17.08 7.85 26.26
CA SER A 255 18.34 8.19 25.59
C SER A 255 19.32 8.78 26.61
N GLY A 256 20.33 8.03 26.99
CA GLY A 256 21.38 8.57 27.82
C GLY A 256 22.50 9.10 26.93
N CYS A 257 22.13 9.60 25.76
CA CYS A 257 23.10 10.06 24.76
C CYS A 257 23.13 11.59 24.71
N PRO A 258 24.20 12.22 25.22
CA PRO A 258 24.32 13.69 25.09
C PRO A 258 24.68 14.11 23.67
N ARG B 6 -28.95 20.84 1.09
CA ARG B 6 -29.22 20.64 -0.33
C ARG B 6 -28.42 19.45 -0.86
N SER B 7 -28.92 18.81 -1.91
CA SER B 7 -28.25 17.67 -2.51
C SER B 7 -27.07 18.11 -3.36
N LEU B 8 -25.98 17.35 -3.28
CA LEU B 8 -24.80 17.62 -4.08
C LEU B 8 -24.92 16.94 -5.43
N ILE B 9 -24.52 17.66 -6.47
CA ILE B 9 -24.46 17.11 -7.82
C ILE B 9 -23.10 16.44 -7.98
N VAL B 10 -23.11 15.15 -8.29
CA VAL B 10 -21.90 14.38 -8.49
C VAL B 10 -21.79 14.05 -9.97
N THR B 11 -20.73 14.52 -10.61
CA THR B 11 -20.45 14.18 -11.99
C THR B 11 -19.55 12.96 -12.04
N THR B 12 -19.73 12.15 -13.08
CA THR B 12 -18.97 10.91 -13.22
C THR B 12 -19.14 10.43 -14.66
N LEU B 13 -18.48 9.31 -14.95
CA LEU B 13 -18.60 8.67 -16.26
C LEU B 13 -18.51 7.16 -16.07
N LEU B 14 -18.98 6.43 -17.08
CA LEU B 14 -18.99 4.98 -17.01
C LEU B 14 -17.60 4.43 -17.30
N GLU B 15 -17.15 3.52 -16.44
CA GLU B 15 -15.85 2.87 -16.62
C GLU B 15 -15.72 1.68 -15.69
N GLU B 16 -15.48 0.50 -16.25
CA GLU B 16 -15.34 -0.70 -15.44
C GLU B 16 -14.01 -0.68 -14.68
N PRO B 17 -13.99 -1.07 -13.40
CA PRO B 17 -15.09 -1.43 -12.49
C PRO B 17 -15.49 -0.29 -11.56
N PHE B 18 -15.23 0.95 -11.98
CA PHE B 18 -15.43 2.10 -11.11
C PHE B 18 -16.89 2.53 -11.08
N VAL B 19 -17.50 2.67 -12.26
CA VAL B 19 -18.88 3.13 -12.39
C VAL B 19 -19.52 2.35 -13.53
N MET B 20 -20.58 1.61 -13.23
CA MET B 20 -21.25 0.78 -14.22
C MET B 20 -22.76 0.86 -14.01
N PHE B 21 -23.50 0.64 -15.09
CA PHE B 21 -24.94 0.47 -14.98
C PHE B 21 -25.24 -0.87 -14.31
N ARG B 22 -25.96 -0.81 -13.19
CA ARG B 22 -26.36 -2.04 -12.51
C ARG B 22 -27.29 -2.84 -13.41
N LYS B 23 -27.10 -4.16 -13.42
CA LYS B 23 -27.94 -5.04 -14.23
C LYS B 23 -29.29 -5.27 -13.57
N SER B 24 -30.35 -5.19 -14.38
CA SER B 24 -31.69 -5.33 -13.87
C SER B 24 -32.63 -5.53 -15.05
N ASP B 25 -33.70 -6.30 -14.82
CA ASP B 25 -34.71 -6.47 -15.85
C ASP B 25 -35.59 -5.24 -15.98
N ARG B 26 -35.97 -4.63 -14.86
CA ARG B 26 -36.74 -3.41 -14.91
C ARG B 26 -35.83 -2.22 -15.21
N THR B 27 -36.44 -1.14 -15.67
CA THR B 27 -35.70 0.10 -15.90
C THR B 27 -35.48 0.81 -14.57
N LEU B 28 -34.25 1.18 -14.30
CA LEU B 28 -33.89 1.82 -13.05
C LEU B 28 -33.72 3.31 -13.28
N TYR B 29 -33.93 4.08 -12.21
CA TYR B 29 -33.81 5.53 -12.27
C TYR B 29 -33.03 6.02 -11.06
N GLY B 30 -32.54 7.26 -11.16
CA GLY B 30 -31.83 7.90 -10.07
C GLY B 30 -30.49 7.22 -9.80
N ASN B 31 -30.05 7.34 -8.55
CA ASN B 31 -28.75 6.79 -8.17
C ASN B 31 -28.72 5.27 -8.23
N ASP B 32 -29.89 4.63 -8.23
CA ASP B 32 -29.95 3.17 -8.23
C ASP B 32 -29.49 2.56 -9.53
N ARG B 33 -29.31 3.35 -10.58
CA ARG B 33 -28.80 2.82 -11.83
C ARG B 33 -27.35 2.38 -11.75
N PHE B 34 -26.60 2.88 -10.77
CA PHE B 34 -25.15 2.76 -10.80
C PHE B 34 -24.65 1.84 -9.70
N GLU B 35 -23.54 1.16 -10.01
CA GLU B 35 -22.80 0.39 -9.03
C GLU B 35 -21.33 0.49 -9.40
N GLY B 36 -20.47 0.06 -8.46
CA GLY B 36 -19.04 0.02 -8.72
C GLY B 36 -18.20 0.57 -7.59
N TYR B 37 -16.88 0.49 -7.75
CA TYR B 37 -15.96 0.97 -6.72
C TYR B 37 -16.25 2.42 -6.35
N CYS B 38 -16.36 3.29 -7.36
CA CYS B 38 -16.58 4.71 -7.09
C CYS B 38 -17.96 4.97 -6.52
N ILE B 39 -18.94 4.14 -6.86
CA ILE B 39 -20.27 4.26 -6.25
C ILE B 39 -20.20 3.87 -4.78
N ASP B 40 -19.53 2.75 -4.47
CA ASP B 40 -19.32 2.41 -3.06
C ASP B 40 -18.57 3.52 -2.34
N LEU B 41 -17.54 4.08 -2.97
CA LEU B 41 -16.79 5.17 -2.34
C LEU B 41 -17.70 6.35 -2.06
N LEU B 42 -18.51 6.74 -3.05
CA LEU B 42 -19.43 7.85 -2.86
C LEU B 42 -20.40 7.57 -1.73
N LYS B 43 -20.88 6.33 -1.62
CA LYS B 43 -21.79 5.98 -0.54
C LYS B 43 -21.12 6.15 0.82
N GLU B 44 -19.84 5.75 0.93
CA GLU B 44 -19.13 5.92 2.19
C GLU B 44 -18.90 7.39 2.50
N LEU B 45 -18.48 8.17 1.51
CA LEU B 45 -18.28 9.59 1.73
C LEU B 45 -19.60 10.27 2.12
N ALA B 46 -20.68 9.94 1.42
CA ALA B 46 -21.97 10.56 1.72
C ALA B 46 -22.43 10.24 3.14
N HIS B 47 -22.10 9.04 3.64
CA HIS B 47 -22.50 8.69 4.99
C HIS B 47 -21.65 9.43 6.02
N ILE B 48 -20.34 9.47 5.81
CA ILE B 48 -19.44 10.11 6.77
C ILE B 48 -19.75 11.59 6.89
N LEU B 49 -19.83 12.29 5.74
CA LEU B 49 -20.10 13.72 5.75
C LEU B 49 -21.58 14.04 5.89
N GLY B 50 -22.46 13.07 5.64
CA GLY B 50 -23.87 13.26 5.84
C GLY B 50 -24.50 14.22 4.84
N PHE B 51 -24.42 13.88 3.56
CA PHE B 51 -25.07 14.68 2.52
C PHE B 51 -25.81 13.76 1.56
N SER B 52 -26.80 14.34 0.89
CA SER B 52 -27.50 13.67 -0.19
C SER B 52 -26.92 14.11 -1.52
N TYR B 53 -27.03 13.25 -2.52
CA TYR B 53 -26.37 13.51 -3.79
C TYR B 53 -27.20 12.96 -4.93
N GLU B 54 -26.93 13.49 -6.12
CA GLU B 54 -27.54 13.03 -7.35
C GLU B 54 -26.42 12.76 -8.34
N ILE B 55 -26.34 11.52 -8.82
CA ILE B 55 -25.31 11.16 -9.79
C ILE B 55 -25.79 11.58 -11.17
N ARG B 56 -24.97 12.37 -11.86
CA ARG B 56 -25.20 12.74 -13.25
C ARG B 56 -23.97 12.41 -14.06
N LEU B 57 -24.16 11.75 -15.19
CA LEU B 57 -23.05 11.41 -16.07
C LEU B 57 -22.69 12.62 -16.91
N VAL B 58 -21.39 12.91 -17.01
CA VAL B 58 -20.95 14.05 -17.82
C VAL B 58 -21.34 13.81 -19.27
N GLU B 59 -21.97 14.81 -19.88
CA GLU B 59 -22.57 14.64 -21.21
C GLU B 59 -21.52 14.21 -22.23
N ASP B 60 -20.43 14.97 -22.33
CA ASP B 60 -19.41 14.64 -23.32
C ASP B 60 -18.62 13.38 -22.98
N GLY B 61 -18.80 12.83 -21.77
CA GLY B 61 -18.13 11.59 -21.42
C GLY B 61 -16.62 11.67 -21.32
N LYS B 62 -16.07 12.86 -21.09
CA LYS B 62 -14.62 13.04 -21.02
C LYS B 62 -14.18 13.23 -19.58
N TYR B 63 -12.90 12.93 -19.33
CA TYR B 63 -12.33 13.16 -18.02
C TYR B 63 -12.02 14.65 -17.82
N GLY B 64 -11.34 15.24 -18.80
CA GLY B 64 -10.99 16.65 -18.73
C GLY B 64 -9.65 16.92 -19.37
N ALA B 65 -9.64 17.79 -20.38
CA ALA B 65 -8.41 18.20 -21.03
C ALA B 65 -8.58 19.60 -21.59
N GLN B 66 -7.45 20.25 -21.88
CA GLN B 66 -7.43 21.61 -22.38
C GLN B 66 -7.12 21.62 -23.88
N ASP B 67 -7.83 22.47 -24.61
CA ASP B 67 -7.51 22.74 -26.00
C ASP B 67 -6.31 23.69 -26.08
N ASP B 68 -5.94 24.08 -27.29
CA ASP B 68 -4.82 25.01 -27.45
C ASP B 68 -5.15 26.43 -27.00
N LYS B 69 -6.39 26.69 -26.59
CA LYS B 69 -6.79 27.99 -26.04
C LYS B 69 -6.83 28.01 -24.52
N GLY B 70 -6.95 26.85 -23.87
CA GLY B 70 -7.03 26.78 -22.43
C GLY B 70 -8.38 26.43 -21.84
N GLN B 71 -9.36 26.08 -22.66
CA GLN B 71 -10.69 25.75 -22.16
C GLN B 71 -10.79 24.26 -21.88
N TRP B 72 -11.51 23.92 -20.82
CA TRP B 72 -11.62 22.55 -20.34
C TRP B 72 -12.88 21.88 -20.87
N ASN B 73 -12.89 20.56 -20.77
CA ASN B 73 -14.06 19.76 -21.11
C ASN B 73 -14.24 18.72 -20.01
N GLY B 74 -15.20 17.82 -20.18
CA GLY B 74 -15.37 16.72 -19.25
C GLY B 74 -15.74 17.14 -17.84
N MET B 75 -15.46 16.23 -16.91
CA MET B 75 -15.82 16.46 -15.51
C MET B 75 -15.13 17.70 -14.95
N VAL B 76 -13.92 17.98 -15.41
CA VAL B 76 -13.22 19.18 -14.95
C VAL B 76 -14.05 20.42 -15.26
N LYS B 77 -14.54 20.51 -16.50
CA LYS B 77 -15.36 21.66 -16.88
C LYS B 77 -16.62 21.74 -16.01
N GLU B 78 -17.23 20.60 -15.72
CA GLU B 78 -18.44 20.62 -14.89
C GLU B 78 -18.16 21.25 -13.53
N LEU B 79 -16.98 20.99 -12.97
CA LEU B 79 -16.64 21.57 -11.67
C LEU B 79 -16.32 23.06 -11.81
N ILE B 80 -15.52 23.42 -12.81
CA ILE B 80 -15.17 24.83 -13.01
C ILE B 80 -16.43 25.67 -13.17
N ASP B 81 -17.36 25.22 -14.02
CA ASP B 81 -18.61 25.94 -14.23
C ASP B 81 -19.57 25.81 -13.06
N HIS B 82 -19.18 25.12 -11.98
CA HIS B 82 -20.05 24.91 -10.83
C HIS B 82 -21.32 24.16 -11.23
N LYS B 83 -21.24 23.35 -12.28
CA LYS B 83 -22.33 22.46 -12.65
C LYS B 83 -22.34 21.17 -11.84
N ALA B 84 -21.30 20.93 -11.04
CA ALA B 84 -21.23 19.74 -10.20
C ALA B 84 -20.43 20.08 -8.94
N ASP B 85 -20.84 19.49 -7.82
CA ASP B 85 -20.14 19.70 -6.55
C ASP B 85 -18.95 18.76 -6.42
N LEU B 86 -19.09 17.51 -6.85
CA LEU B 86 -18.04 16.51 -6.72
C LEU B 86 -17.82 15.80 -8.05
N ALA B 87 -16.58 15.38 -8.26
CA ALA B 87 -16.21 14.46 -9.34
C ALA B 87 -15.70 13.18 -8.72
N VAL B 88 -16.50 12.13 -8.77
CA VAL B 88 -16.17 10.83 -8.19
C VAL B 88 -15.93 9.87 -9.34
N ALA B 89 -14.67 9.59 -9.64
CA ALA B 89 -14.29 8.76 -10.77
C ALA B 89 -12.79 8.49 -10.75
N PRO B 90 -12.30 7.52 -11.53
CA PRO B 90 -10.83 7.38 -11.65
C PRO B 90 -10.22 8.60 -12.28
N LEU B 91 -10.23 9.70 -11.52
CA LEU B 91 -9.76 11.00 -12.00
C LEU B 91 -8.35 11.25 -11.48
N THR B 92 -7.39 11.35 -12.40
CA THR B 92 -5.99 11.47 -12.05
C THR B 92 -5.67 12.87 -11.54
N ILE B 93 -4.89 12.92 -10.46
CA ILE B 93 -4.42 14.18 -9.88
C ILE B 93 -3.21 14.64 -10.68
N THR B 94 -3.36 15.75 -11.41
CA THR B 94 -2.30 16.28 -12.25
C THR B 94 -2.00 17.73 -11.88
N HIS B 95 -0.77 18.15 -12.13
CA HIS B 95 -0.36 19.51 -11.82
C HIS B 95 -1.24 20.52 -12.56
N VAL B 96 -1.53 20.25 -13.84
CA VAL B 96 -2.32 21.20 -14.62
C VAL B 96 -3.73 21.32 -14.05
N ARG B 97 -4.35 20.19 -13.68
CA ARG B 97 -5.73 20.23 -13.19
C ARG B 97 -5.82 20.88 -11.81
N GLU B 98 -4.76 20.78 -11.00
CA GLU B 98 -4.76 21.40 -9.69
C GLU B 98 -4.89 22.91 -9.79
N LYS B 99 -4.63 23.50 -10.97
CA LYS B 99 -4.72 24.93 -11.15
C LYS B 99 -6.14 25.41 -11.42
N ALA B 100 -7.06 24.50 -11.74
CA ALA B 100 -8.44 24.85 -12.04
C ALA B 100 -9.44 24.24 -11.08
N ILE B 101 -9.13 23.11 -10.46
CA ILE B 101 -10.00 22.45 -9.50
C ILE B 101 -9.16 22.00 -8.31
N ASP B 102 -9.84 21.56 -7.26
CA ASP B 102 -9.20 21.03 -6.07
C ASP B 102 -9.39 19.52 -6.00
N PHE B 103 -8.37 18.85 -5.46
CA PHE B 103 -8.38 17.40 -5.30
C PHE B 103 -8.25 17.05 -3.83
N SER B 104 -8.99 16.05 -3.40
CA SER B 104 -8.74 15.45 -2.10
C SER B 104 -7.42 14.70 -2.15
N LYS B 105 -7.00 14.20 -0.99
CA LYS B 105 -5.89 13.25 -0.98
C LYS B 105 -6.26 12.04 -1.83
N PRO B 106 -5.29 11.34 -2.40
CA PRO B 106 -5.62 10.19 -3.27
C PRO B 106 -6.27 9.06 -2.49
N PHE B 107 -7.31 8.48 -3.08
CA PHE B 107 -7.94 7.29 -2.52
C PHE B 107 -7.42 6.02 -3.16
N MET B 108 -6.54 6.15 -4.16
CA MET B 108 -5.96 5.00 -4.84
C MET B 108 -4.70 5.49 -5.53
N THR B 109 -3.60 4.76 -5.38
CA THR B 109 -2.36 5.09 -6.06
C THR B 109 -2.13 4.10 -7.20
N LEU B 110 -1.49 4.57 -8.25
CA LEU B 110 -1.37 3.78 -9.47
C LEU B 110 -0.17 4.29 -10.27
N GLY B 111 -0.05 3.81 -11.50
CA GLY B 111 0.97 4.28 -12.41
C GLY B 111 0.68 3.80 -13.81
N VAL B 112 1.38 4.39 -14.76
CA VAL B 112 1.25 3.98 -16.15
C VAL B 112 2.07 2.71 -16.36
N SER B 113 1.49 1.74 -17.05
CA SER B 113 2.18 0.52 -17.41
C SER B 113 1.69 0.12 -18.80
N ILE B 114 1.95 -1.14 -19.18
CA ILE B 114 1.68 -1.62 -20.54
C ILE B 114 0.77 -2.83 -20.46
N LEU B 115 -0.25 -2.85 -21.31
CA LEU B 115 -1.11 -4.01 -21.49
C LEU B 115 -0.78 -4.66 -22.82
N TYR B 116 -0.53 -5.96 -22.80
CA TYR B 116 -0.10 -6.69 -23.99
C TYR B 116 -0.37 -8.18 -23.75
N ARG B 117 -0.26 -8.95 -24.82
CA ARG B 117 -0.51 -10.39 -24.70
C ARG B 117 0.71 -11.09 -24.11
N LYS B 118 0.49 -12.31 -23.65
CA LYS B 118 1.51 -13.06 -22.93
C LYS B 118 2.49 -13.72 -23.91
N GLY B 119 3.56 -14.27 -23.34
CA GLY B 119 4.53 -15.02 -24.12
C GLY B 119 5.15 -14.29 -25.28
N THR B 120 5.85 -13.20 -25.01
CA THR B 120 6.48 -12.38 -26.02
C THR B 120 7.83 -11.92 -25.49
N PRO B 121 8.76 -11.55 -26.38
CA PRO B 121 10.07 -11.08 -25.90
C PRO B 121 10.04 -9.70 -25.28
N ILE B 122 8.88 -9.04 -25.25
CA ILE B 122 8.79 -7.69 -24.72
C ILE B 122 8.69 -7.77 -23.20
N ASP B 123 9.47 -6.93 -22.52
CA ASP B 123 9.49 -6.93 -21.07
C ASP B 123 9.55 -5.54 -20.47
N SER B 124 9.70 -4.49 -21.28
CA SER B 124 9.82 -3.13 -20.77
C SER B 124 9.33 -2.17 -21.84
N ALA B 125 9.09 -0.92 -21.41
CA ALA B 125 8.76 0.13 -22.37
C ALA B 125 9.91 0.35 -23.34
N ASP B 126 11.15 0.13 -22.89
CA ASP B 126 12.29 0.28 -23.77
C ASP B 126 12.26 -0.74 -24.90
N ASP B 127 11.75 -1.94 -24.63
CA ASP B 127 11.66 -2.96 -25.66
C ASP B 127 10.69 -2.56 -26.77
N LEU B 128 9.59 -1.91 -26.42
CA LEU B 128 8.67 -1.42 -27.44
C LEU B 128 9.29 -0.30 -28.25
N ALA B 129 10.06 0.57 -27.60
CA ALA B 129 10.66 1.70 -28.30
C ALA B 129 11.77 1.27 -29.25
N LYS B 130 12.47 0.16 -28.96
CA LYS B 130 13.56 -0.29 -29.83
C LYS B 130 13.08 -1.04 -31.07
N GLN B 131 11.78 -1.21 -31.27
CA GLN B 131 11.28 -1.96 -32.41
C GLN B 131 10.08 -1.25 -33.03
N THR B 132 9.67 -1.73 -34.20
CA THR B 132 8.54 -1.14 -34.93
C THR B 132 7.47 -2.15 -35.32
N LYS B 133 7.72 -3.45 -35.19
CA LYS B 133 6.71 -4.44 -35.56
C LYS B 133 5.49 -4.32 -34.67
N ILE B 134 5.70 -4.28 -33.35
CA ILE B 134 4.60 -4.16 -32.41
C ILE B 134 4.22 -2.69 -32.27
N GLU B 135 2.99 -2.36 -32.62
CA GLU B 135 2.50 -1.01 -32.46
C GLU B 135 2.07 -0.78 -31.01
N TYR B 136 2.01 0.49 -30.61
CA TYR B 136 1.58 0.83 -29.27
C TYR B 136 0.99 2.23 -29.25
N GLY B 137 0.23 2.52 -28.20
CA GLY B 137 -0.42 3.80 -28.08
C GLY B 137 -1.14 3.96 -26.76
N ALA B 138 -2.02 4.96 -26.70
CA ALA B 138 -2.75 5.26 -25.48
C ALA B 138 -4.08 5.91 -25.84
N VAL B 139 -4.86 6.24 -24.81
CA VAL B 139 -6.14 6.90 -25.00
C VAL B 139 -5.88 8.38 -25.27
N LYS B 140 -6.69 8.96 -26.15
CA LYS B 140 -6.51 10.35 -26.55
C LYS B 140 -6.91 11.29 -25.44
N ASP B 141 -6.07 12.30 -25.19
CA ASP B 141 -6.37 13.37 -24.25
C ASP B 141 -6.56 12.86 -22.83
N GLY B 142 -5.94 11.74 -22.51
CA GLY B 142 -5.93 11.22 -21.17
C GLY B 142 -4.63 11.57 -20.45
N ALA B 143 -4.61 11.30 -19.15
CA ALA B 143 -3.39 11.54 -18.38
C ALA B 143 -2.22 10.72 -18.91
N THR B 144 -2.50 9.54 -19.48
CA THR B 144 -1.43 8.70 -19.99
C THR B 144 -0.80 9.28 -21.25
N MET B 145 -1.63 9.69 -22.22
CA MET B 145 -1.09 10.34 -23.41
C MET B 145 -0.38 11.63 -23.06
N THR B 146 -0.93 12.40 -22.12
CA THR B 146 -0.30 13.65 -21.71
C THR B 146 1.07 13.40 -21.11
N PHE B 147 1.22 12.29 -20.37
CA PHE B 147 2.52 11.98 -19.77
C PHE B 147 3.60 11.83 -20.84
N PHE B 148 3.28 11.14 -21.94
CA PHE B 148 4.27 10.93 -22.99
C PHE B 148 4.50 12.21 -23.79
N LYS B 149 3.48 13.06 -23.92
CA LYS B 149 3.64 14.29 -24.69
C LYS B 149 4.57 15.27 -23.98
N LYS B 150 4.62 15.24 -22.65
CA LYS B 150 5.44 16.17 -21.88
C LYS B 150 6.75 15.56 -21.40
N SER B 151 6.94 14.26 -21.57
CA SER B 151 8.14 13.61 -21.03
C SER B 151 9.40 14.10 -21.73
N LYS B 152 10.47 14.26 -20.96
CA LYS B 152 11.79 14.58 -21.49
C LYS B 152 12.76 13.42 -21.39
N ILE B 153 12.28 12.23 -21.02
CA ILE B 153 13.10 11.03 -20.98
C ILE B 153 13.16 10.44 -22.39
N SER B 154 14.38 10.05 -22.81
CA SER B 154 14.61 9.67 -24.20
C SER B 154 13.64 8.57 -24.64
N THR B 155 13.45 7.54 -23.83
CA THR B 155 12.58 6.43 -24.24
C THR B 155 11.15 6.90 -24.45
N PHE B 156 10.64 7.76 -23.56
CA PHE B 156 9.24 8.14 -23.63
C PHE B 156 8.99 9.16 -24.72
N GLU B 157 9.91 10.10 -24.93
CA GLU B 157 9.75 11.05 -26.03
C GLU B 157 9.89 10.38 -27.38
N LYS B 158 10.54 9.21 -27.45
CA LYS B 158 10.53 8.44 -28.69
C LYS B 158 9.20 7.72 -28.88
N MET B 159 8.68 7.12 -27.81
CA MET B 159 7.37 6.47 -27.91
C MET B 159 6.31 7.50 -28.28
N TRP B 160 6.43 8.73 -27.76
CA TRP B 160 5.49 9.79 -28.13
C TRP B 160 5.62 10.15 -29.60
N ALA B 161 6.85 10.10 -30.13
CA ALA B 161 7.04 10.35 -31.56
C ALA B 161 6.28 9.33 -32.39
N PHE B 162 6.30 8.07 -31.99
CA PHE B 162 5.59 7.03 -32.73
C PHE B 162 4.09 7.15 -32.53
N MET B 163 3.66 7.52 -31.32
CA MET B 163 2.22 7.58 -31.03
C MET B 163 1.54 8.73 -31.77
N SER B 164 2.18 9.89 -31.82
CA SER B 164 1.57 11.07 -32.43
C SER B 164 1.87 11.19 -33.93
N SER B 165 2.75 10.34 -34.46
CA SER B 165 3.06 10.34 -35.89
C SER B 165 2.27 9.30 -36.66
N LYS B 166 1.57 8.40 -35.97
CA LYS B 166 0.75 7.39 -36.60
C LYS B 166 -0.70 7.62 -36.22
N PRO B 167 -1.63 7.66 -37.19
CA PRO B 167 -3.00 8.08 -36.84
C PRO B 167 -3.73 7.09 -35.95
N SER B 168 -3.59 5.79 -36.20
CA SER B 168 -4.34 4.78 -35.48
C SER B 168 -3.63 4.28 -34.23
N ALA B 169 -2.56 4.96 -33.79
CA ALA B 169 -1.87 4.55 -32.57
C ALA B 169 -2.69 4.91 -31.34
N LEU B 170 -3.28 6.10 -31.32
CA LEU B 170 -4.10 6.53 -30.21
C LEU B 170 -5.55 6.13 -30.42
N VAL B 171 -6.17 5.62 -29.35
CA VAL B 171 -7.52 5.09 -29.40
C VAL B 171 -8.47 6.09 -28.73
N LYS B 172 -9.76 5.92 -28.98
CA LYS B 172 -10.76 6.84 -28.47
C LYS B 172 -11.01 6.64 -26.98
N ASN B 173 -10.99 5.40 -26.51
CA ASN B 173 -11.25 5.11 -25.10
C ASN B 173 -10.60 3.78 -24.74
N ASN B 174 -10.69 3.42 -23.46
CA ASN B 174 -10.07 2.19 -22.98
C ASN B 174 -10.62 0.96 -23.70
N GLU B 175 -11.94 0.93 -23.92
CA GLU B 175 -12.54 -0.26 -24.54
C GLU B 175 -11.95 -0.51 -25.92
N GLU B 176 -11.73 0.55 -26.71
CA GLU B 176 -11.13 0.39 -28.03
C GLU B 176 -9.69 -0.08 -27.91
N GLY B 177 -8.94 0.45 -26.95
CA GLY B 177 -7.56 0.01 -26.76
C GLY B 177 -7.48 -1.44 -26.30
N ILE B 178 -8.35 -1.83 -25.37
CA ILE B 178 -8.34 -3.22 -24.89
C ILE B 178 -8.67 -4.17 -26.04
N GLN B 179 -9.68 -3.84 -26.83
CA GLN B 179 -10.04 -4.69 -27.97
C GLN B 179 -8.90 -4.74 -28.98
N ARG B 180 -8.13 -3.66 -29.07
CA ARG B 180 -7.00 -3.62 -30.00
C ARG B 180 -5.90 -4.60 -29.60
N THR B 181 -5.63 -4.73 -28.30
CA THR B 181 -4.61 -5.68 -27.85
C THR B 181 -4.99 -7.11 -28.18
N LEU B 182 -6.29 -7.38 -28.31
CA LEU B 182 -6.78 -8.72 -28.59
C LEU B 182 -6.80 -9.05 -30.07
N THR B 183 -7.08 -8.06 -30.93
CA THR B 183 -7.25 -8.29 -32.35
C THR B 183 -6.00 -8.01 -33.18
N ALA B 184 -5.08 -7.17 -32.70
CA ALA B 184 -3.90 -6.80 -33.46
C ALA B 184 -2.65 -6.92 -32.59
N ASP B 185 -1.50 -6.86 -33.25
CA ASP B 185 -0.21 -6.86 -32.56
C ASP B 185 0.02 -5.47 -32.00
N TYR B 186 -0.49 -5.24 -30.79
CA TYR B 186 -0.54 -3.89 -30.24
C TYR B 186 -0.47 -3.93 -28.72
N ALA B 187 0.33 -3.04 -28.15
CA ALA B 187 0.42 -2.84 -26.71
C ALA B 187 -0.24 -1.52 -26.35
N LEU B 188 -0.93 -1.49 -25.21
CA LEU B 188 -1.71 -0.33 -24.79
C LEU B 188 -1.05 0.29 -23.56
N LEU B 189 -0.72 1.57 -23.66
CA LEU B 189 -0.25 2.33 -22.51
C LEU B 189 -1.46 2.75 -21.68
N MET B 190 -1.57 2.19 -20.47
CA MET B 190 -2.78 2.28 -19.67
C MET B 190 -2.39 2.30 -18.20
N GLU B 191 -3.30 2.83 -17.37
CA GLU B 191 -3.04 2.95 -15.95
C GLU B 191 -3.15 1.59 -15.26
N SER B 192 -2.24 1.36 -14.30
CA SER B 192 -2.00 0.00 -13.80
C SER B 192 -3.21 -0.60 -13.10
N THR B 193 -4.07 0.24 -12.50
CA THR B 193 -5.25 -0.30 -11.83
C THR B 193 -6.18 -0.99 -12.81
N THR B 194 -6.40 -0.38 -13.98
CA THR B 194 -7.27 -1.00 -14.98
C THR B 194 -6.61 -2.24 -15.58
N ILE B 195 -5.30 -2.20 -15.79
CA ILE B 195 -4.61 -3.37 -16.30
C ILE B 195 -4.82 -4.55 -15.37
N GLU B 196 -4.69 -4.32 -14.06
CA GLU B 196 -4.91 -5.36 -13.08
C GLU B 196 -6.30 -5.95 -13.20
N TYR B 197 -7.32 -5.10 -13.37
CA TYR B 197 -8.68 -5.60 -13.54
C TYR B 197 -8.83 -6.39 -14.82
N ILE B 198 -8.18 -5.96 -15.90
CA ILE B 198 -8.32 -6.65 -17.19
C ILE B 198 -7.60 -7.99 -17.17
N THR B 199 -6.33 -7.99 -16.78
CA THR B 199 -5.54 -9.21 -16.81
C THR B 199 -6.09 -10.29 -15.89
N GLN B 200 -6.99 -9.94 -14.97
CA GLN B 200 -7.59 -10.92 -14.09
C GLN B 200 -8.78 -11.64 -14.73
N ARG B 201 -9.41 -11.04 -15.75
CA ARG B 201 -10.53 -11.66 -16.43
C ARG B 201 -10.24 -11.96 -17.90
N ASN B 202 -9.07 -11.61 -18.41
CA ASN B 202 -8.64 -11.99 -19.75
C ASN B 202 -7.27 -12.66 -19.59
N CYS B 203 -7.27 -14.00 -19.55
CA CYS B 203 -6.03 -14.73 -19.30
C CYS B 203 -5.07 -14.69 -20.48
N ASN B 204 -5.45 -14.07 -21.59
CA ASN B 204 -4.56 -13.92 -22.73
C ASN B 204 -3.86 -12.56 -22.74
N LEU B 205 -4.13 -11.72 -21.74
CA LEU B 205 -3.47 -10.42 -21.62
C LEU B 205 -2.66 -10.37 -20.32
N THR B 206 -1.63 -9.54 -20.31
CA THR B 206 -0.78 -9.40 -19.14
C THR B 206 -0.18 -8.00 -19.11
N GLN B 207 0.32 -7.63 -17.94
CA GLN B 207 1.04 -6.38 -17.76
C GLN B 207 2.52 -6.58 -18.12
N ILE B 208 3.05 -5.70 -18.96
CA ILE B 208 4.44 -5.73 -19.37
C ILE B 208 5.21 -4.72 -18.54
N GLY B 209 6.30 -5.16 -17.92
CA GLY B 209 7.10 -4.30 -17.08
C GLY B 209 6.35 -3.83 -15.85
N GLY B 210 6.93 -2.83 -15.21
CA GLY B 210 6.37 -2.23 -14.02
C GLY B 210 5.73 -0.88 -14.29
N LEU B 211 5.72 -0.03 -13.27
CA LEU B 211 5.14 1.30 -13.38
C LEU B 211 6.21 2.30 -13.80
N ILE B 212 5.96 3.01 -14.91
CA ILE B 212 6.91 4.00 -15.41
C ILE B 212 6.81 5.32 -14.65
N ASP B 213 5.68 5.57 -13.98
CA ASP B 213 5.53 6.75 -13.15
C ASP B 213 4.60 6.40 -11.99
N SER B 214 4.26 7.40 -11.19
CA SER B 214 3.42 7.20 -10.02
C SER B 214 2.45 8.37 -9.89
N LYS B 215 1.19 8.06 -9.65
CA LYS B 215 0.15 9.08 -9.53
C LYS B 215 -0.98 8.50 -8.69
N GLY B 216 -2.02 9.30 -8.49
CA GLY B 216 -3.14 8.87 -7.68
C GLY B 216 -4.44 9.42 -8.23
N TYR B 217 -5.52 8.75 -7.84
CA TYR B 217 -6.88 9.21 -8.13
C TYR B 217 -7.40 9.99 -6.94
N GLY B 218 -8.05 11.13 -7.21
CA GLY B 218 -8.63 11.93 -6.16
C GLY B 218 -10.05 12.33 -6.49
N ILE B 219 -10.78 12.70 -5.44
CA ILE B 219 -12.11 13.28 -5.60
C ILE B 219 -11.93 14.74 -6.01
N GLY B 220 -12.51 15.10 -7.15
CA GLY B 220 -12.41 16.47 -7.64
C GLY B 220 -13.57 17.32 -7.15
N THR B 221 -13.26 18.56 -6.80
CA THR B 221 -14.24 19.54 -6.38
C THR B 221 -13.88 20.86 -7.02
N PRO B 222 -14.84 21.79 -7.16
CA PRO B 222 -14.48 23.12 -7.63
C PRO B 222 -13.52 23.78 -6.67
N MET B 223 -12.63 24.61 -7.21
CA MET B 223 -11.62 25.26 -6.40
C MET B 223 -12.27 26.09 -5.31
N GLY B 224 -11.75 26.00 -4.09
CA GLY B 224 -12.31 26.70 -2.97
C GLY B 224 -13.50 26.02 -2.33
N SER B 225 -13.79 24.77 -2.68
CA SER B 225 -14.93 24.09 -2.10
C SER B 225 -14.64 23.75 -0.64
N PRO B 226 -15.62 23.89 0.26
CA PRO B 226 -15.39 23.48 1.65
C PRO B 226 -15.37 21.97 1.84
N TYR B 227 -15.95 21.21 0.91
CA TYR B 227 -16.03 19.76 1.04
C TYR B 227 -14.72 19.06 0.74
N ARG B 228 -13.73 19.75 0.16
CA ARG B 228 -12.49 19.08 -0.23
C ARG B 228 -11.75 18.55 0.99
N ASP B 229 -11.50 19.41 1.98
CA ASP B 229 -10.78 18.97 3.17
C ASP B 229 -11.58 17.90 3.94
N LYS B 230 -12.90 18.05 3.98
CA LYS B 230 -13.73 17.06 4.65
C LYS B 230 -13.65 15.71 3.96
N ILE B 231 -13.58 15.70 2.63
CA ILE B 231 -13.47 14.45 1.90
C ILE B 231 -12.12 13.80 2.16
N THR B 232 -11.06 14.61 2.26
CA THR B 232 -9.75 14.08 2.61
C THR B 232 -9.78 13.38 3.96
N ILE B 233 -10.36 14.03 4.97
CA ILE B 233 -10.44 13.42 6.29
C ILE B 233 -11.23 12.12 6.23
N ALA B 234 -12.26 12.08 5.38
CA ALA B 234 -13.05 10.87 5.25
C ALA B 234 -12.27 9.77 4.55
N ILE B 235 -11.48 10.12 3.54
CA ILE B 235 -10.66 9.14 2.86
C ILE B 235 -9.64 8.55 3.83
N LEU B 236 -8.99 9.40 4.62
CA LEU B 236 -8.04 8.92 5.61
C LEU B 236 -8.73 7.99 6.61
N GLN B 237 -9.96 8.33 7.01
CA GLN B 237 -10.70 7.46 7.92
C GLN B 237 -10.97 6.11 7.27
N LEU B 238 -11.28 6.11 5.96
CA LEU B 238 -11.51 4.85 5.27
C LEU B 238 -10.22 4.04 5.13
N GLN B 239 -9.08 4.71 4.93
CA GLN B 239 -7.80 4.02 4.88
C GLN B 239 -7.51 3.32 6.21
N GLU B 240 -7.72 4.02 7.32
CA GLU B 240 -7.42 3.46 8.63
C GLU B 240 -8.26 2.22 8.94
N GLU B 241 -9.48 2.18 8.44
CA GLU B 241 -10.39 1.06 8.68
C GLU B 241 -10.27 -0.04 7.65
N ASP B 242 -9.33 0.07 6.72
CA ASP B 242 -9.08 -0.91 5.67
C ASP B 242 -10.24 -1.03 4.69
N LYS B 243 -11.10 -0.01 4.61
CA LYS B 243 -12.27 -0.09 3.73
C LYS B 243 -11.89 0.14 2.27
N LEU B 244 -10.83 0.89 1.99
CA LEU B 244 -10.38 1.00 0.60
C LEU B 244 -9.78 -0.32 0.12
N HIS B 245 -9.17 -1.09 1.03
CA HIS B 245 -8.70 -2.43 0.69
C HIS B 245 -9.88 -3.34 0.36
N ILE B 246 -10.91 -3.33 1.21
CA ILE B 246 -12.05 -4.22 1.01
C ILE B 246 -12.77 -3.86 -0.29
N MET B 247 -12.93 -2.56 -0.56
CA MET B 247 -13.66 -2.15 -1.75
C MET B 247 -12.93 -2.58 -3.02
N LYS B 248 -11.60 -2.46 -3.02
CA LYS B 248 -10.85 -2.85 -4.21
C LYS B 248 -10.97 -4.35 -4.47
N GLU B 249 -10.83 -5.17 -3.42
CA GLU B 249 -10.96 -6.60 -3.61
C GLU B 249 -12.39 -7.02 -3.94
N LYS B 250 -13.38 -6.22 -3.56
CA LYS B 250 -14.75 -6.53 -3.95
C LYS B 250 -14.94 -6.37 -5.46
N TRP B 251 -14.39 -5.31 -6.04
CA TRP B 251 -14.63 -4.98 -7.44
C TRP B 251 -13.53 -5.44 -8.38
N TRP B 252 -12.38 -5.86 -7.88
CA TRP B 252 -11.33 -6.42 -8.71
C TRP B 252 -11.34 -7.95 -8.76
N ARG B 253 -12.34 -8.60 -8.17
CA ARG B 253 -12.40 -10.06 -8.24
C ARG B 253 -12.34 -10.52 -9.70
N GLY B 254 -11.42 -11.45 -9.97
CA GLY B 254 -11.20 -11.97 -11.30
C GLY B 254 -11.86 -13.31 -11.55
N SER B 255 -11.77 -13.75 -12.82
CA SER B 255 -12.34 -15.02 -13.21
C SER B 255 -11.46 -16.18 -12.76
N GLY B 256 -10.13 -16.02 -12.85
CA GLY B 256 -9.22 -17.03 -12.35
C GLY B 256 -8.17 -17.43 -13.36
N CYS B 257 -7.12 -16.63 -13.48
CA CYS B 257 -6.10 -16.89 -14.49
C CYS B 257 -4.86 -17.51 -13.87
ZN ZN C . 9.61 7.10 22.07
O1 CG8 D . 10.61 -6.84 9.28
N3 CG8 D . 11.30 -5.65 15.00
C6 CG8 D . 10.48 -6.53 14.15
C7 CG8 D . 12.17 -4.81 14.16
C10 CG8 D . 7.02 -8.40 10.89
C9 CG8 D . 8.00 -7.30 11.28
C8 CG8 D . 10.54 -4.94 16.02
N2 CG8 D . 11.94 -5.38 10.39
N1 CG8 D . 10.44 -6.80 11.61
C5 CG8 D . 9.43 -7.83 11.60
C4 CG8 D . 11.86 -5.25 12.77
C3 CG8 D . 12.45 -4.76 11.55
C2 CG8 D . 10.97 -6.38 10.36
C1 CG8 D . 10.93 -6.20 12.75
N4 CG8 D . 7.42 -6.56 12.42
O2 CG8 D . 13.32 -3.88 11.46
O3 CG8 D . 5.90 -8.45 11.46
O4 CG8 D . 7.37 -9.22 10.01
CL CL E . 0.97 -4.14 2.58
CL CL F . 16.60 1.94 25.80
ZN ZN G . -6.05 -4.23 4.23
ZN ZN H . -21.19 28.73 -8.99
ZN ZN I . 2.43 25.09 -11.25
ZN ZN J . -18.13 3.36 6.37
O1 CG8 K . -5.55 8.65 -19.14
N3 CG8 K . -9.12 4.59 -16.87
C6 CG8 K . -8.96 6.06 -16.82
C7 CG8 K . -7.87 3.98 -17.38
C10 CG8 K . -7.63 11.06 -16.42
C9 CG8 K . -7.16 9.60 -16.55
C8 CG8 K . -9.69 3.99 -15.69
N2 CG8 K . -5.42 6.39 -19.08
N1 CG8 K . -7.24 7.54 -18.01
C5 CG8 K . -7.88 8.80 -17.67
C4 CG8 K . -7.11 5.15 -17.93
C3 CG8 K . -5.88 5.12 -18.71
C2 CG8 K . -6.04 7.60 -18.76
C1 CG8 K . -7.70 6.30 -17.63
N4 CG8 K . -7.32 8.93 -15.25
O2 CG8 K . -5.25 4.11 -19.05
O3 CG8 K . -8.30 11.38 -15.42
O4 CG8 K . -7.33 11.86 -17.33
S SO4 L . -33.44 -4.83 -8.36
O1 SO4 L . -33.30 -5.13 -9.78
O2 SO4 L . -32.39 -5.50 -7.61
O3 SO4 L . -33.34 -3.39 -8.16
O4 SO4 L . -34.75 -5.29 -7.88
CL CL M . -10.90 11.80 -21.98
#